data_5E71
#
_entry.id   5E71
#
_cell.length_a   47.733
_cell.length_b   53.520
_cell.length_c   134.859
_cell.angle_alpha   90.00
_cell.angle_beta   90.00
_cell.angle_gamma   90.00
#
_symmetry.space_group_name_H-M   'P 21 21 21'
#
loop_
_entity.id
_entity.type
_entity.pdbx_description
1 polymer 'N2, N2-dimethylguanosine tRNA methyltransferase'
2 water water
#
_entity_poly.entity_id   1
_entity_poly.type   'polypeptide(L)'
_entity_poly.pdbx_seq_one_letter_code
;MLYVEILGNLPEMARDEVKAMLELGGGEIIGQDYLFLKVDAGEKAFPFLDRLGLAHEYGLLLVEADSVEELLQKAGEVEW
PIKGAFKVDTETMANCRHDVLDLPRKLGAVIHAQGFRVNLSKPDTVVRVYCGERLYAGIRLRYFDPKDFEKRKAHHRPFF
RPISLHPRVSRALVNLTKATREILDPFMGAGGILIEAGLLGLRVYGVDIRPEMVEGAETNLKHYGVRDYTLKLGDATRLE
DLFPDKKFEAVATDPPYGTAATLAGRKRDELYRKALRSIYNVLEDGGRLAIAFPTDFNGKAEAEAVGFRTLGRYYQRVHK
SLERYFYVFEKLEVLFQGPSHHHHHH
;
_entity_poly.pdbx_strand_id   A
#
# COMPACT_ATOMS: atom_id res chain seq x y z
N MET A 1 21.06 -2.49 1.39
CA MET A 1 19.91 -3.35 1.19
C MET A 1 18.80 -2.95 2.15
N LEU A 2 17.55 -3.13 1.71
CA LEU A 2 16.40 -2.87 2.58
C LEU A 2 15.61 -4.15 2.80
N TYR A 3 14.66 -4.10 3.73
CA TYR A 3 13.67 -5.16 3.86
C TYR A 3 12.30 -4.53 4.00
N VAL A 4 11.28 -5.24 3.54
CA VAL A 4 9.89 -4.87 3.79
C VAL A 4 9.15 -6.10 4.27
N GLU A 5 8.40 -5.97 5.36
CA GLU A 5 7.48 -7.03 5.78
C GLU A 5 6.08 -6.67 5.31
N ILE A 6 5.46 -7.58 4.56
CA ILE A 6 4.10 -7.34 4.06
C ILE A 6 3.03 -8.05 4.88
N LEU A 7 1.81 -7.53 4.79
CA LEU A 7 0.66 -8.18 5.40
C LEU A 7 0.34 -9.45 4.62
N GLY A 8 -0.19 -10.45 5.31
CA GLY A 8 -0.42 -11.74 4.69
C GLY A 8 -1.80 -11.97 4.14
N ASN A 9 -2.73 -11.04 4.39
CA ASN A 9 -4.12 -11.21 3.97
C ASN A 9 -4.30 -11.20 2.45
N LEU A 10 -3.63 -10.26 1.80
CA LEU A 10 -3.65 -10.14 0.35
C LEU A 10 -2.21 -10.05 -0.08
N PRO A 11 -1.48 -11.18 -0.02
CA PRO A 11 -0.03 -11.10 -0.13
C PRO A 11 0.49 -10.81 -1.53
N GLU A 12 -0.24 -11.18 -2.58
CA GLU A 12 0.24 -10.87 -3.91
C GLU A 12 0.02 -9.37 -4.20
N MET A 13 -1.12 -8.86 -3.78
CA MET A 13 -1.41 -7.45 -3.87
C MET A 13 -0.38 -6.63 -3.10
N ALA A 14 0.00 -7.12 -1.92
CA ALA A 14 0.95 -6.40 -1.09
C ALA A 14 2.33 -6.40 -1.74
N ARG A 15 2.76 -7.54 -2.26
CA ARG A 15 4.07 -7.59 -2.92
C ARG A 15 4.07 -6.70 -4.15
N ASP A 16 2.97 -6.69 -4.89
CA ASP A 16 2.87 -5.83 -6.08
C ASP A 16 2.82 -4.34 -5.70
N GLU A 17 2.28 -4.02 -4.52
CA GLU A 17 2.29 -2.64 -4.04
C GLU A 17 3.72 -2.20 -3.77
N VAL A 18 4.49 -3.08 -3.12
CA VAL A 18 5.89 -2.77 -2.86
C VAL A 18 6.65 -2.61 -4.18
N LYS A 19 6.43 -3.53 -5.11
CA LYS A 19 7.04 -3.43 -6.45
C LYS A 19 6.76 -2.07 -7.08
N ALA A 20 5.50 -1.64 -7.01
CA ALA A 20 5.12 -0.36 -7.59
C ALA A 20 5.88 0.80 -6.98
N MET A 21 5.99 0.82 -5.65
CA MET A 21 6.72 1.90 -5.00
C MET A 21 8.22 1.81 -5.27
N LEU A 22 8.76 0.60 -5.38
CA LEU A 22 10.18 0.44 -5.67
C LEU A 22 10.49 0.88 -7.10
N GLU A 23 9.54 0.69 -8.01
CA GLU A 23 9.75 1.17 -9.38
C GLU A 23 9.91 2.69 -9.37
N LEU A 24 9.06 3.38 -8.62
CA LEU A 24 9.20 4.83 -8.44
C LEU A 24 10.52 5.16 -7.73
N GLY A 25 10.96 4.28 -6.85
CA GLY A 25 12.14 4.53 -6.03
C GLY A 25 13.43 3.95 -6.60
N GLY A 26 13.35 3.38 -7.80
CA GLY A 26 14.52 2.90 -8.52
C GLY A 26 15.10 1.58 -8.01
N GLY A 27 14.31 0.82 -7.26
CA GLY A 27 14.77 -0.46 -6.73
C GLY A 27 13.92 -1.63 -7.17
N GLU A 28 14.19 -2.80 -6.59
CA GLU A 28 13.40 -3.97 -6.88
C GLU A 28 13.54 -5.01 -5.77
N ILE A 29 12.60 -5.93 -5.74
CA ILE A 29 12.65 -7.04 -4.82
C ILE A 29 13.62 -8.09 -5.33
N ILE A 30 14.52 -8.55 -4.46
CA ILE A 30 15.54 -9.54 -4.78
C ILE A 30 15.19 -10.92 -4.26
N GLY A 31 14.42 -10.96 -3.18
CA GLY A 31 14.11 -12.24 -2.57
C GLY A 31 12.90 -12.16 -1.66
N GLN A 32 12.31 -13.31 -1.37
CA GLN A 32 11.16 -13.38 -0.48
C GLN A 32 11.26 -14.61 0.39
N ASP A 33 11.12 -14.41 1.69
CA ASP A 33 11.21 -15.46 2.68
C ASP A 33 9.93 -15.33 3.51
N TYR A 34 8.96 -16.20 3.26
CA TYR A 34 7.62 -16.07 3.84
C TYR A 34 7.04 -14.69 3.50
N LEU A 35 6.89 -13.80 4.47
CA LEU A 35 6.33 -12.47 4.18
C LEU A 35 7.36 -11.36 4.36
N PHE A 36 8.62 -11.76 4.36
CA PHE A 36 9.76 -10.85 4.42
C PHE A 36 10.29 -10.66 3.00
N LEU A 37 10.38 -9.41 2.55
CA LEU A 37 10.92 -9.08 1.23
C LEU A 37 12.31 -8.48 1.32
N LYS A 38 13.27 -9.11 0.65
CA LYS A 38 14.64 -8.58 0.54
C LYS A 38 14.67 -7.60 -0.63
N VAL A 39 15.14 -6.38 -0.39
CA VAL A 39 14.96 -5.31 -1.35
C VAL A 39 16.25 -4.59 -1.70
N ASP A 40 16.55 -4.55 -3.00
CA ASP A 40 17.69 -3.82 -3.51
C ASP A 40 17.27 -2.41 -3.87
N ALA A 41 17.42 -1.50 -2.93
CA ALA A 41 17.04 -0.10 -3.11
C ALA A 41 17.73 0.75 -2.06
N GLY A 42 17.72 2.07 -2.24
CA GLY A 42 18.36 2.97 -1.31
C GLY A 42 17.41 4.02 -0.79
N GLU A 43 17.97 5.05 -0.16
CA GLU A 43 17.17 6.11 0.46
C GLU A 43 16.19 6.79 -0.48
N LYS A 44 16.49 6.77 -1.78
CA LYS A 44 15.61 7.34 -2.80
C LYS A 44 14.23 6.69 -2.76
N ALA A 45 14.19 5.45 -2.31
CA ALA A 45 12.95 4.68 -2.25
C ALA A 45 12.11 4.98 -1.00
N PHE A 46 12.74 5.59 0.01
CA PHE A 46 12.07 5.81 1.30
C PHE A 46 10.74 6.59 1.17
N PRO A 47 10.72 7.70 0.40
CA PRO A 47 9.45 8.44 0.35
C PRO A 47 8.32 7.65 -0.30
N PHE A 48 8.69 6.67 -1.12
CA PHE A 48 7.70 5.84 -1.79
C PHE A 48 7.29 4.68 -0.90
N LEU A 49 8.26 4.09 -0.21
CA LEU A 49 7.92 3.04 0.74
C LEU A 49 7.07 3.60 1.87
N ASP A 50 7.28 4.86 2.23
CA ASP A 50 6.47 5.53 3.25
C ASP A 50 4.97 5.53 2.89
N ARG A 51 4.66 5.35 1.61
CA ARG A 51 3.27 5.40 1.14
C ARG A 51 2.49 4.10 1.36
N LEU A 52 3.20 3.02 1.70
CA LEU A 52 2.59 1.69 1.64
C LEU A 52 1.39 1.50 2.55
N GLY A 53 0.42 0.75 2.05
CA GLY A 53 -0.77 0.43 2.82
C GLY A 53 -0.88 -1.03 3.25
N LEU A 54 -0.14 -1.92 2.58
CA LEU A 54 -0.24 -3.34 2.91
C LEU A 54 1.07 -3.87 3.46
N ALA A 55 1.83 -3.02 4.16
CA ALA A 55 3.08 -3.46 4.77
C ALA A 55 3.08 -3.20 6.28
N HIS A 56 3.77 -4.06 7.03
CA HIS A 56 3.91 -3.87 8.47
C HIS A 56 5.03 -2.92 8.85
N GLU A 57 6.13 -2.99 8.10
CA GLU A 57 7.29 -2.14 8.36
C GLU A 57 8.31 -2.26 7.25
N TYR A 58 9.25 -1.33 7.21
CA TYR A 58 10.41 -1.51 6.34
C TYR A 58 11.63 -0.98 7.07
N GLY A 59 12.80 -1.35 6.59
CA GLY A 59 14.01 -0.90 7.23
C GLY A 59 15.26 -1.28 6.50
N LEU A 60 16.40 -1.05 7.15
CA LEU A 60 17.71 -1.42 6.63
C LEU A 60 18.01 -2.88 6.88
N LEU A 61 18.50 -3.58 5.87
CA LEU A 61 18.88 -4.97 6.02
C LEU A 61 20.40 -5.03 6.08
N LEU A 62 20.94 -5.42 7.23
CA LEU A 62 22.39 -5.32 7.44
C LEU A 62 23.11 -6.66 7.47
N VAL A 63 22.39 -7.71 7.86
CA VAL A 63 22.97 -9.05 7.95
C VAL A 63 21.98 -10.11 7.46
N GLU A 64 22.45 -11.04 6.65
CA GLU A 64 21.66 -12.25 6.42
C GLU A 64 22.55 -13.48 6.62
N ALA A 65 21.96 -14.53 7.17
CA ALA A 65 22.73 -15.70 7.58
C ALA A 65 21.89 -16.96 7.55
N ASP A 66 22.56 -18.10 7.66
CA ASP A 66 21.88 -19.39 7.63
C ASP A 66 21.98 -20.13 8.95
N SER A 67 22.45 -19.42 9.98
CA SER A 67 22.48 -19.94 11.34
C SER A 67 22.66 -18.79 12.30
N VAL A 68 22.27 -19.00 13.56
CA VAL A 68 22.47 -18.00 14.60
C VAL A 68 23.96 -17.67 14.74
N GLU A 69 24.80 -18.72 14.77
CA GLU A 69 26.24 -18.53 14.83
C GLU A 69 26.74 -17.58 13.74
N GLU A 70 26.31 -17.83 12.51
CA GLU A 70 26.73 -17.01 11.38
C GLU A 70 26.14 -15.61 11.47
N LEU A 71 24.91 -15.52 11.97
CA LEU A 71 24.26 -14.22 12.12
C LEU A 71 25.07 -13.34 13.07
N LEU A 72 25.47 -13.92 14.21
CA LEU A 72 26.23 -13.19 15.22
C LEU A 72 27.63 -12.84 14.74
N GLN A 73 28.26 -13.77 14.02
CA GLN A 73 29.57 -13.53 13.44
C GLN A 73 29.54 -12.33 12.48
N LYS A 74 28.57 -12.32 11.57
CA LYS A 74 28.48 -11.26 10.58
C LYS A 74 28.06 -9.93 11.19
N ALA A 75 27.22 -9.99 12.23
CA ALA A 75 26.78 -8.79 12.93
C ALA A 75 27.95 -8.06 13.58
N GLY A 76 28.99 -8.81 13.94
CA GLY A 76 30.18 -8.22 14.52
C GLY A 76 31.00 -7.41 13.53
N GLU A 77 30.87 -7.71 12.23
CA GLU A 77 31.64 -7.02 11.22
C GLU A 77 30.88 -5.84 10.64
N VAL A 78 29.64 -5.68 11.10
CA VAL A 78 28.78 -4.57 10.68
C VAL A 78 28.97 -3.39 11.61
N GLU A 79 29.09 -2.19 11.04
CA GLU A 79 29.07 -0.99 11.86
C GLU A 79 27.62 -0.53 12.03
N TRP A 80 27.03 -0.88 13.16
CA TRP A 80 25.60 -0.61 13.39
C TRP A 80 25.31 0.88 13.59
N PRO A 81 24.50 1.46 12.68
CA PRO A 81 24.13 2.89 12.78
C PRO A 81 23.07 3.14 13.83
N ILE A 82 23.37 2.83 15.10
CA ILE A 82 22.42 2.97 16.19
C ILE A 82 22.27 4.43 16.62
N LYS A 83 21.03 4.89 16.72
CA LYS A 83 20.74 6.20 17.31
C LYS A 83 20.21 6.02 18.73
N GLY A 84 20.80 6.71 19.69
CA GLY A 84 20.37 6.60 21.07
C GLY A 84 20.50 5.18 21.60
N ALA A 85 19.56 4.79 22.47
CA ALA A 85 19.54 3.44 23.01
C ALA A 85 18.81 2.51 22.05
N PHE A 86 19.03 1.21 22.19
CA PHE A 86 18.40 0.28 21.27
C PHE A 86 17.84 -0.93 21.99
N LYS A 87 17.04 -1.70 21.26
CA LYS A 87 16.69 -3.05 21.68
C LYS A 87 16.64 -3.91 20.44
N VAL A 88 16.72 -5.22 20.65
CA VAL A 88 16.56 -6.19 19.58
C VAL A 88 15.20 -6.85 19.70
N ASP A 89 14.47 -6.87 18.59
CA ASP A 89 13.12 -7.42 18.56
C ASP A 89 13.09 -8.45 17.44
N THR A 90 12.87 -9.72 17.78
CA THR A 90 12.83 -10.76 16.76
C THR A 90 11.43 -11.03 16.26
N GLU A 91 11.33 -11.26 14.97
CA GLU A 91 10.09 -11.65 14.35
C GLU A 91 10.25 -13.09 13.89
N THR A 92 9.59 -13.99 14.60
CA THR A 92 9.59 -15.39 14.24
C THR A 92 8.44 -15.65 13.27
N MET A 93 8.75 -15.73 11.99
CA MET A 93 7.73 -16.00 10.98
C MET A 93 7.34 -17.48 11.05
N ALA A 94 6.24 -17.85 10.42
CA ALA A 94 5.73 -19.21 10.52
C ALA A 94 6.70 -20.27 10.02
N ASN A 95 7.64 -19.87 9.15
CA ASN A 95 8.58 -20.83 8.55
C ASN A 95 9.97 -20.75 9.16
N CYS A 96 10.05 -20.11 10.32
CA CYS A 96 11.31 -20.00 11.06
C CYS A 96 11.97 -21.37 11.26
N ARG A 97 13.23 -21.47 10.84
CA ARG A 97 14.00 -22.71 10.86
C ARG A 97 15.13 -22.68 11.89
N HIS A 98 15.09 -21.72 12.81
CA HIS A 98 16.23 -21.49 13.70
C HIS A 98 15.82 -21.27 15.15
N ASP A 99 16.67 -21.73 16.06
CA ASP A 99 16.42 -21.50 17.47
C ASP A 99 16.87 -20.09 17.84
N VAL A 100 15.89 -19.20 17.99
CA VAL A 100 16.19 -17.80 18.23
C VAL A 100 15.89 -17.38 19.65
N LEU A 101 15.72 -18.34 20.56
CA LEU A 101 15.49 -17.91 21.92
C LEU A 101 16.80 -17.36 22.49
N ASP A 102 16.65 -16.29 23.25
CA ASP A 102 17.76 -15.48 23.75
C ASP A 102 18.55 -14.80 22.63
N LEU A 103 18.05 -14.84 21.39
CA LEU A 103 18.77 -14.12 20.34
C LEU A 103 18.83 -12.61 20.60
N PRO A 104 17.75 -12.00 21.15
CA PRO A 104 17.88 -10.55 21.42
C PRO A 104 19.04 -10.25 22.37
N ARG A 105 19.21 -11.09 23.38
CA ARG A 105 20.33 -10.96 24.31
C ARG A 105 21.67 -11.11 23.58
N LYS A 106 21.79 -12.15 22.77
CA LYS A 106 23.04 -12.42 22.07
C LYS A 106 23.41 -11.33 21.09
N LEU A 107 22.46 -10.92 20.25
CA LEU A 107 22.78 -9.89 19.28
C LEU A 107 23.01 -8.56 19.98
N GLY A 108 22.27 -8.32 21.05
CA GLY A 108 22.40 -7.07 21.79
C GLY A 108 23.77 -6.96 22.44
N ALA A 109 24.34 -8.09 22.84
CA ALA A 109 25.70 -8.12 23.37
C ALA A 109 26.71 -7.70 22.30
N VAL A 110 26.52 -8.20 21.09
CA VAL A 110 27.41 -7.86 19.97
C VAL A 110 27.32 -6.38 19.65
N ILE A 111 26.11 -5.84 19.61
CA ILE A 111 25.94 -4.43 19.33
C ILE A 111 26.37 -3.54 20.50
N HIS A 112 26.10 -4.00 21.72
CA HIS A 112 26.52 -3.26 22.91
C HIS A 112 28.03 -3.03 22.92
N ALA A 113 28.78 -4.02 22.42
CA ALA A 113 30.23 -3.94 22.37
C ALA A 113 30.72 -2.83 21.46
N GLN A 114 29.85 -2.31 20.59
CA GLN A 114 30.23 -1.25 19.66
C GLN A 114 30.03 0.12 20.28
N GLY A 115 29.58 0.14 21.54
CA GLY A 115 29.47 1.38 22.28
C GLY A 115 28.05 1.85 22.52
N PHE A 116 27.07 1.00 22.20
CA PHE A 116 25.68 1.38 22.32
C PHE A 116 25.01 0.73 23.53
N ARG A 117 23.98 1.39 24.05
CA ARG A 117 23.31 0.92 25.26
C ARG A 117 21.92 0.33 24.99
N VAL A 118 21.58 -0.74 25.72
CA VAL A 118 20.26 -1.36 25.61
C VAL A 118 19.24 -0.67 26.51
N ASN A 119 18.07 -0.37 25.96
CA ASN A 119 16.91 0.04 26.74
C ASN A 119 15.70 -0.75 26.25
N LEU A 120 15.29 -1.75 27.02
CA LEU A 120 14.24 -2.67 26.59
C LEU A 120 12.88 -2.01 26.61
N SER A 121 12.68 -1.09 27.55
CA SER A 121 11.37 -0.48 27.76
C SER A 121 11.15 0.68 26.79
N LYS A 122 12.20 1.45 26.52
CA LYS A 122 12.08 2.60 25.63
C LYS A 122 13.29 2.77 24.72
N PRO A 123 13.36 1.93 23.68
CA PRO A 123 14.45 2.05 22.70
C PRO A 123 14.26 3.23 21.76
N ASP A 124 15.37 3.84 21.34
CA ASP A 124 15.33 4.89 20.32
C ASP A 124 15.48 4.25 18.95
N THR A 125 16.28 3.20 18.88
CA THR A 125 16.46 2.42 17.65
C THR A 125 16.04 0.97 17.88
N VAL A 126 15.22 0.43 16.98
CA VAL A 126 14.81 -0.95 17.11
C VAL A 126 15.58 -1.80 16.12
N VAL A 127 16.48 -2.63 16.63
CA VAL A 127 17.15 -3.61 15.82
C VAL A 127 16.23 -4.80 15.62
N ARG A 128 16.02 -5.18 14.36
CA ARG A 128 15.10 -6.26 14.04
C ARG A 128 15.83 -7.50 13.55
N VAL A 129 15.36 -8.66 13.99
CA VAL A 129 15.78 -9.93 13.41
C VAL A 129 14.55 -10.65 12.88
N TYR A 130 14.56 -11.03 11.60
CA TYR A 130 13.50 -11.86 11.06
C TYR A 130 13.97 -13.30 10.91
N CYS A 131 13.16 -14.25 11.35
CA CYS A 131 13.50 -15.66 11.20
C CYS A 131 12.51 -16.37 10.29
N GLY A 132 13.01 -16.84 9.15
CA GLY A 132 12.24 -17.70 8.26
C GLY A 132 13.12 -18.85 7.83
N GLU A 133 13.22 -19.09 6.52
CA GLU A 133 14.17 -20.06 6.01
C GLU A 133 15.58 -19.66 6.44
N ARG A 134 15.85 -18.37 6.31
CA ARG A 134 17.13 -17.81 6.72
C ARG A 134 16.93 -16.78 7.83
N LEU A 135 18.03 -16.20 8.30
CA LEU A 135 17.97 -15.18 9.34
C LEU A 135 18.39 -13.83 8.79
N TYR A 136 17.68 -12.78 9.16
CA TYR A 136 17.97 -11.45 8.68
C TYR A 136 17.99 -10.48 9.84
N ALA A 137 18.96 -9.58 9.85
CA ALA A 137 19.04 -8.59 10.90
C ALA A 137 19.27 -7.21 10.33
N GLY A 138 18.62 -6.22 10.92
CA GLY A 138 18.84 -4.85 10.52
C GLY A 138 18.19 -3.87 11.48
N ILE A 139 17.80 -2.72 10.95
CA ILE A 139 17.23 -1.64 11.73
C ILE A 139 15.89 -1.23 11.15
N ARG A 140 14.86 -1.14 12.00
CA ARG A 140 13.57 -0.69 11.49
C ARG A 140 13.57 0.81 11.22
N LEU A 141 13.10 1.21 10.05
CA LEU A 141 13.05 2.62 9.68
C LEU A 141 11.64 3.19 9.79
N ARG A 142 10.64 2.36 9.51
CA ARG A 142 9.26 2.81 9.66
C ARG A 142 8.35 1.65 10.03
N TYR A 143 7.57 1.85 11.08
CA TYR A 143 6.53 0.91 11.46
C TYR A 143 5.20 1.48 11.00
N PHE A 144 4.39 0.65 10.35
CA PHE A 144 3.06 1.07 9.92
C PHE A 144 2.04 0.59 10.94
N ASP A 145 1.57 1.51 11.78
CA ASP A 145 0.70 1.14 12.88
C ASP A 145 -0.69 0.82 12.35
N PRO A 146 -1.17 -0.41 12.57
CA PRO A 146 -2.52 -0.76 12.12
C PRO A 146 -3.57 0.23 12.65
N LYS A 147 -3.31 0.74 13.86
CA LYS A 147 -4.23 1.65 14.53
C LYS A 147 -4.50 2.90 13.70
N ASP A 148 -3.48 3.39 13.03
CA ASP A 148 -3.64 4.59 12.23
C ASP A 148 -4.68 4.39 11.13
N PHE A 149 -4.71 3.19 10.55
CA PHE A 149 -5.68 2.90 9.50
C PHE A 149 -7.05 2.61 10.08
N GLU A 150 -7.11 1.88 11.19
CA GLU A 150 -8.38 1.58 11.82
C GLU A 150 -9.11 2.86 12.22
N LYS A 151 -8.37 3.88 12.65
CA LYS A 151 -8.96 5.15 13.05
C LYS A 151 -9.57 5.95 11.89
N ARG A 152 -9.25 5.56 10.66
CA ARG A 152 -9.81 6.21 9.46
C ARG A 152 -10.93 5.40 8.81
N LYS A 153 -11.44 4.40 9.50
CA LYS A 153 -12.55 3.63 8.96
C LYS A 153 -13.81 4.47 8.86
N ALA A 154 -14.75 4.01 8.05
CA ALA A 154 -15.91 4.82 7.67
C ALA A 154 -16.63 5.50 8.84
N HIS A 155 -16.75 4.81 9.97
CA HIS A 155 -17.54 5.35 11.08
C HIS A 155 -16.82 6.42 11.91
N HIS A 156 -15.56 6.69 11.59
CA HIS A 156 -14.83 7.74 12.27
C HIS A 156 -14.83 9.04 11.46
N ARG A 157 -15.39 9.00 10.26
CA ARG A 157 -15.47 10.17 9.41
C ARG A 157 -16.71 10.99 9.77
N PRO A 158 -16.64 12.32 9.62
CA PRO A 158 -17.80 13.17 9.87
C PRO A 158 -19.01 12.77 9.05
N PHE A 159 -18.78 12.47 7.77
CA PHE A 159 -19.81 11.98 6.88
C PHE A 159 -19.72 10.47 6.82
N PHE A 160 -20.66 9.80 7.47
CA PHE A 160 -20.60 8.35 7.59
C PHE A 160 -21.44 7.61 6.57
N ARG A 161 -20.78 6.77 5.79
CA ARG A 161 -21.45 5.78 4.95
C ARG A 161 -20.66 4.48 5.06
N PRO A 162 -21.35 3.36 5.34
CA PRO A 162 -20.62 2.11 5.58
C PRO A 162 -20.30 1.36 4.29
N ILE A 163 -19.64 2.01 3.34
CA ILE A 163 -19.49 1.48 1.98
C ILE A 163 -18.02 1.27 1.58
N SER A 164 -17.11 1.96 2.27
CA SER A 164 -15.71 2.01 1.85
C SER A 164 -15.03 0.64 1.89
N LEU A 165 -13.92 0.57 1.17
CA LEU A 165 -12.90 -0.46 1.37
C LEU A 165 -12.19 -0.17 2.68
N HIS A 166 -11.37 -1.12 3.16
CA HIS A 166 -10.50 -0.86 4.29
C HIS A 166 -9.51 0.23 3.86
N PRO A 167 -9.20 1.19 4.75
CA PRO A 167 -8.23 2.22 4.36
C PRO A 167 -6.90 1.68 3.83
N ARG A 168 -6.42 0.55 4.35
CA ARG A 168 -5.18 0.00 3.84
C ARG A 168 -5.32 -0.43 2.38
N VAL A 169 -6.49 -0.98 2.02
CA VAL A 169 -6.71 -1.42 0.65
C VAL A 169 -6.93 -0.22 -0.27
N SER A 170 -7.66 0.78 0.21
CA SER A 170 -7.84 2.02 -0.54
C SER A 170 -6.48 2.62 -0.87
N ARG A 171 -5.61 2.66 0.13
CA ARG A 171 -4.28 3.20 -0.07
C ARG A 171 -3.46 2.38 -1.05
N ALA A 172 -3.54 1.05 -0.92
CA ALA A 172 -2.83 0.16 -1.84
C ALA A 172 -3.29 0.37 -3.29
N LEU A 173 -4.59 0.56 -3.50
CA LEU A 173 -5.08 0.77 -4.87
C LEU A 173 -4.47 2.03 -5.45
N VAL A 174 -4.42 3.10 -4.66
CA VAL A 174 -3.80 4.34 -5.14
C VAL A 174 -2.35 4.04 -5.52
N ASN A 175 -1.63 3.34 -4.65
CA ASN A 175 -0.23 3.09 -4.92
C ASN A 175 0.02 2.18 -6.14
N LEU A 176 -0.88 1.25 -6.38
CA LEU A 176 -0.71 0.32 -7.49
C LEU A 176 -0.79 1.03 -8.85
N THR A 177 -1.33 2.25 -8.86
CA THR A 177 -1.38 3.07 -10.07
C THR A 177 -0.08 3.84 -10.27
N LYS A 178 0.76 3.83 -9.24
CA LYS A 178 2.02 4.60 -9.21
C LYS A 178 1.82 6.11 -9.42
N ALA A 179 0.65 6.64 -9.06
CA ALA A 179 0.40 8.08 -9.17
C ALA A 179 1.39 8.88 -8.30
N THR A 180 1.94 9.96 -8.87
CA THR A 180 2.85 10.82 -8.13
C THR A 180 2.37 12.27 -8.12
N ARG A 181 1.37 12.57 -8.93
CA ARG A 181 0.85 13.94 -9.00
C ARG A 181 -0.62 14.01 -8.64
N GLU A 182 -1.40 13.10 -9.20
CA GLU A 182 -2.84 13.23 -9.08
C GLU A 182 -3.56 11.90 -9.23
N ILE A 183 -4.81 11.88 -8.78
CA ILE A 183 -5.67 10.73 -9.04
C ILE A 183 -7.14 11.13 -9.13
N LEU A 184 -7.85 10.45 -10.01
CA LEU A 184 -9.29 10.64 -10.18
C LEU A 184 -10.04 9.41 -9.67
N ASP A 185 -11.09 9.63 -8.88
CA ASP A 185 -12.05 8.59 -8.50
C ASP A 185 -13.44 9.00 -8.98
N PRO A 186 -13.94 8.35 -10.04
CA PRO A 186 -15.24 8.74 -10.61
C PRO A 186 -16.47 8.13 -9.93
N PHE A 187 -16.27 7.29 -8.92
CA PHE A 187 -17.33 6.78 -8.08
C PHE A 187 -16.94 7.01 -6.61
N MET A 188 -16.69 8.26 -6.25
CA MET A 188 -15.96 8.52 -5.01
C MET A 188 -16.72 8.17 -3.73
N GLY A 189 -18.05 8.20 -3.76
CA GLY A 189 -18.83 7.89 -2.57
C GLY A 189 -18.47 8.83 -1.43
N ALA A 190 -18.20 8.29 -0.25
CA ALA A 190 -17.87 9.12 0.91
C ALA A 190 -16.42 9.56 0.87
N GLY A 191 -15.68 9.10 -0.13
CA GLY A 191 -14.32 9.58 -0.40
C GLY A 191 -13.16 8.76 0.15
N GLY A 192 -13.38 7.49 0.45
CA GLY A 192 -12.34 6.67 1.07
C GLY A 192 -11.03 6.60 0.31
N ILE A 193 -11.12 6.42 -1.01
CA ILE A 193 -9.92 6.35 -1.81
C ILE A 193 -9.30 7.73 -1.94
N LEU A 194 -10.12 8.76 -2.11
CA LEU A 194 -9.56 10.10 -2.25
C LEU A 194 -8.93 10.60 -0.96
N ILE A 195 -9.46 10.16 0.19
CA ILE A 195 -8.83 10.47 1.47
C ILE A 195 -7.41 9.90 1.53
N GLU A 196 -7.23 8.63 1.18
CA GLU A 196 -5.87 8.08 1.17
C GLU A 196 -4.97 8.81 0.16
N ALA A 197 -5.46 9.03 -1.05
CA ALA A 197 -4.68 9.73 -2.06
C ALA A 197 -4.24 11.12 -1.58
N GLY A 198 -5.16 11.84 -0.97
CA GLY A 198 -4.87 13.18 -0.47
C GLY A 198 -3.88 13.17 0.68
N LEU A 199 -3.97 12.16 1.53
CA LEU A 199 -3.01 12.02 2.64
C LEU A 199 -1.61 11.72 2.12
N LEU A 200 -1.54 11.12 0.93
CA LEU A 200 -0.27 10.82 0.28
C LEU A 200 0.30 12.06 -0.42
N GLY A 201 -0.47 13.14 -0.40
CA GLY A 201 -0.03 14.41 -0.94
C GLY A 201 -0.38 14.59 -2.41
N LEU A 202 -1.27 13.74 -2.92
CA LEU A 202 -1.70 13.86 -4.31
C LEU A 202 -2.83 14.85 -4.48
N ARG A 203 -2.88 15.47 -5.66
CA ARG A 203 -4.05 16.24 -6.09
C ARG A 203 -5.16 15.25 -6.42
N VAL A 204 -6.38 15.50 -5.96
CA VAL A 204 -7.45 14.54 -6.21
C VAL A 204 -8.64 15.14 -6.97
N TYR A 205 -9.28 14.29 -7.76
CA TYR A 205 -10.51 14.62 -8.48
C TYR A 205 -11.54 13.54 -8.13
N GLY A 206 -12.78 13.95 -7.91
CA GLY A 206 -13.84 12.99 -7.59
C GLY A 206 -15.13 13.29 -8.34
N VAL A 207 -15.88 12.25 -8.67
CA VAL A 207 -17.22 12.40 -9.22
C VAL A 207 -18.20 11.54 -8.42
N ASP A 208 -19.42 12.02 -8.25
CA ASP A 208 -20.50 11.15 -7.79
C ASP A 208 -21.80 11.69 -8.37
N ILE A 209 -22.73 10.79 -8.63
CA ILE A 209 -24.03 11.17 -9.19
C ILE A 209 -24.94 11.72 -8.11
N ARG A 210 -24.58 11.50 -6.85
CA ARG A 210 -25.40 11.92 -5.72
C ARG A 210 -24.84 13.17 -5.05
N PRO A 211 -25.64 14.27 -5.06
CA PRO A 211 -25.26 15.54 -4.46
C PRO A 211 -24.81 15.41 -3.00
N GLU A 212 -25.47 14.53 -2.25
CA GLU A 212 -25.13 14.29 -0.85
C GLU A 212 -23.73 13.68 -0.69
N MET A 213 -23.32 12.89 -1.68
CA MET A 213 -21.98 12.30 -1.67
C MET A 213 -20.95 13.35 -2.05
N VAL A 214 -21.27 14.17 -3.04
CA VAL A 214 -20.38 15.26 -3.42
C VAL A 214 -20.13 16.20 -2.23
N GLU A 215 -21.20 16.52 -1.51
CA GLU A 215 -21.09 17.30 -0.28
C GLU A 215 -20.33 16.53 0.80
N GLY A 216 -20.71 15.27 0.98
CA GLY A 216 -20.17 14.46 2.06
C GLY A 216 -18.69 14.14 1.91
N ALA A 217 -18.28 13.83 0.68
CA ALA A 217 -16.87 13.58 0.41
C ALA A 217 -16.04 14.82 0.71
N GLU A 218 -16.57 16.01 0.42
CA GLU A 218 -15.82 17.23 0.69
C GLU A 218 -15.64 17.43 2.19
N THR A 219 -16.69 17.15 2.96
CA THR A 219 -16.62 17.26 4.40
C THR A 219 -15.54 16.35 4.93
N ASN A 220 -15.51 15.13 4.44
CA ASN A 220 -14.49 14.18 4.90
C ASN A 220 -13.09 14.59 4.45
N LEU A 221 -12.97 15.11 3.23
CA LEU A 221 -11.65 15.48 2.71
C LEU A 221 -11.11 16.64 3.53
N LYS A 222 -11.94 17.64 3.80
CA LYS A 222 -11.55 18.73 4.69
C LYS A 222 -11.15 18.21 6.07
N HIS A 223 -11.92 17.26 6.60
CA HIS A 223 -11.65 16.69 7.91
C HIS A 223 -10.24 16.12 8.02
N TYR A 224 -9.75 15.52 6.92
CA TYR A 224 -8.42 14.89 6.96
C TYR A 224 -7.34 15.78 6.37
N GLY A 225 -7.68 17.06 6.17
CA GLY A 225 -6.69 18.05 5.77
C GLY A 225 -6.28 18.02 4.32
N VAL A 226 -7.09 17.38 3.47
CA VAL A 226 -6.84 17.39 2.05
C VAL A 226 -7.40 18.68 1.46
N ARG A 227 -6.54 19.45 0.80
CA ARG A 227 -6.93 20.76 0.28
C ARG A 227 -6.96 20.82 -1.24
N ASP A 228 -6.13 20.03 -1.91
CA ASP A 228 -6.07 20.11 -3.36
C ASP A 228 -7.06 19.13 -3.98
N TYR A 229 -8.34 19.46 -3.89
CA TYR A 229 -9.36 18.59 -4.46
C TYR A 229 -10.26 19.32 -5.47
N THR A 230 -10.82 18.53 -6.38
CA THR A 230 -11.83 19.02 -7.33
C THR A 230 -12.94 17.98 -7.39
N LEU A 231 -14.10 18.31 -6.84
CA LEU A 231 -15.20 17.37 -6.75
C LEU A 231 -16.38 17.80 -7.59
N LYS A 232 -16.90 16.90 -8.41
CA LYS A 232 -18.00 17.25 -9.31
C LYS A 232 -19.19 16.32 -9.20
N LEU A 233 -20.38 16.90 -9.26
CA LEU A 233 -21.61 16.15 -9.44
C LEU A 233 -21.75 15.77 -10.91
N GLY A 234 -21.86 14.47 -11.20
CA GLY A 234 -21.86 14.05 -12.58
C GLY A 234 -21.88 12.55 -12.86
N ASP A 235 -21.68 12.23 -14.13
CA ASP A 235 -21.86 10.90 -14.69
C ASP A 235 -20.54 10.28 -15.07
N ALA A 236 -20.11 9.26 -14.31
CA ALA A 236 -18.82 8.61 -14.52
C ALA A 236 -18.67 7.98 -15.91
N THR A 237 -19.76 7.85 -16.66
CA THR A 237 -19.66 7.30 -18.00
C THR A 237 -19.40 8.43 -19.02
N ARG A 238 -19.36 9.66 -18.53
CA ARG A 238 -19.14 10.80 -19.42
C ARG A 238 -18.04 11.70 -18.87
N LEU A 239 -16.90 11.10 -18.55
CA LEU A 239 -15.78 11.87 -17.99
C LEU A 239 -15.15 12.87 -18.94
N GLU A 240 -15.18 12.57 -20.24
CA GLU A 240 -14.61 13.47 -21.21
C GLU A 240 -15.44 14.75 -21.27
N ASP A 241 -16.76 14.62 -21.13
CA ASP A 241 -17.65 15.77 -21.05
C ASP A 241 -17.40 16.56 -19.75
N LEU A 242 -17.06 15.83 -18.70
CA LEU A 242 -16.85 16.42 -17.38
C LEU A 242 -15.54 17.18 -17.26
N PHE A 243 -14.48 16.60 -17.82
CA PHE A 243 -13.14 17.17 -17.74
C PHE A 243 -12.57 17.30 -19.15
N PRO A 244 -13.09 18.27 -19.92
CA PRO A 244 -12.90 18.36 -21.38
C PRO A 244 -11.46 18.18 -21.90
N ASP A 245 -10.51 19.00 -21.47
CA ASP A 245 -9.16 18.92 -22.02
C ASP A 245 -8.18 18.47 -20.95
N LYS A 246 -8.58 17.44 -20.22
CA LYS A 246 -7.77 16.90 -19.13
C LYS A 246 -7.47 15.43 -19.38
N LYS A 247 -6.20 15.05 -19.27
CA LYS A 247 -5.83 13.64 -19.24
C LYS A 247 -5.26 13.32 -17.86
N PHE A 248 -5.84 12.33 -17.20
CA PHE A 248 -5.47 12.04 -15.81
C PHE A 248 -4.30 11.07 -15.70
N GLU A 249 -3.42 11.31 -14.72
CA GLU A 249 -2.27 10.45 -14.50
C GLU A 249 -2.68 9.04 -14.11
N ALA A 250 -3.77 8.94 -13.35
CA ALA A 250 -4.18 7.69 -12.76
C ALA A 250 -5.62 7.76 -12.30
N VAL A 251 -6.26 6.60 -12.23
CA VAL A 251 -7.61 6.48 -11.73
C VAL A 251 -7.66 5.33 -10.73
N ALA A 252 -8.30 5.55 -9.59
CA ALA A 252 -8.54 4.48 -8.62
C ALA A 252 -9.96 4.59 -8.10
N THR A 253 -10.69 3.48 -8.04
CA THR A 253 -12.11 3.58 -7.71
C THR A 253 -12.74 2.27 -7.29
N ASP A 254 -13.74 2.40 -6.43
CA ASP A 254 -14.56 1.28 -6.01
C ASP A 254 -15.98 1.60 -6.46
N PRO A 255 -16.39 1.05 -7.62
CA PRO A 255 -17.71 1.37 -8.18
C PRO A 255 -18.84 0.77 -7.35
N PRO A 256 -20.06 1.30 -7.51
CA PRO A 256 -21.17 0.71 -6.77
C PRO A 256 -21.44 -0.74 -7.19
N TYR A 257 -21.90 -1.56 -6.26
CA TYR A 257 -22.28 -2.92 -6.58
C TYR A 257 -23.81 -3.02 -6.63
N ARG A 266 -29.59 2.39 -14.93
CA ARG A 266 -28.70 1.57 -15.75
C ARG A 266 -28.62 0.15 -15.20
N LYS A 267 -28.34 -0.81 -16.07
CA LYS A 267 -27.97 -2.14 -15.60
C LYS A 267 -26.54 -2.08 -15.10
N ARG A 268 -26.22 -2.90 -14.11
CA ARG A 268 -24.91 -2.88 -13.48
C ARG A 268 -23.79 -3.04 -14.49
N ASP A 269 -23.86 -4.08 -15.31
CA ASP A 269 -22.79 -4.38 -16.25
C ASP A 269 -22.64 -3.29 -17.29
N GLU A 270 -23.77 -2.68 -17.67
CA GLU A 270 -23.75 -1.54 -18.58
C GLU A 270 -22.97 -0.37 -17.99
N LEU A 271 -23.27 -0.04 -16.74
CA LEU A 271 -22.55 1.01 -16.03
C LEU A 271 -21.05 0.72 -16.04
N TYR A 272 -20.68 -0.50 -15.66
CA TYR A 272 -19.27 -0.89 -15.62
C TYR A 272 -18.58 -0.77 -16.98
N ARG A 273 -19.22 -1.29 -18.03
CA ARG A 273 -18.64 -1.25 -19.37
C ARG A 273 -18.43 0.18 -19.87
N LYS A 274 -19.45 1.01 -19.71
CA LYS A 274 -19.38 2.41 -20.13
C LYS A 274 -18.37 3.19 -19.29
N ALA A 275 -18.27 2.86 -18.01
CA ALA A 275 -17.31 3.53 -17.13
C ALA A 275 -15.88 3.17 -17.54
N LEU A 276 -15.65 1.90 -17.85
CA LEU A 276 -14.33 1.48 -18.33
C LEU A 276 -13.95 2.24 -19.58
N ARG A 277 -14.88 2.32 -20.53
CA ARG A 277 -14.66 3.05 -21.77
C ARG A 277 -14.32 4.52 -21.49
N SER A 278 -15.08 5.14 -20.60
CA SER A 278 -14.93 6.56 -20.30
C SER A 278 -13.61 6.84 -19.57
N ILE A 279 -13.26 5.96 -18.64
CA ILE A 279 -12.00 6.09 -17.92
C ILE A 279 -10.82 5.94 -18.89
N TYR A 280 -10.88 4.93 -19.74
CA TYR A 280 -9.83 4.72 -20.73
C TYR A 280 -9.59 5.99 -21.55
N ASN A 281 -10.67 6.64 -21.95
CA ASN A 281 -10.56 7.82 -22.80
C ASN A 281 -9.90 9.02 -22.13
N VAL A 282 -10.04 9.14 -20.80
CA VAL A 282 -9.51 10.32 -20.12
C VAL A 282 -8.16 10.02 -19.44
N LEU A 283 -7.70 8.78 -19.53
CA LEU A 283 -6.39 8.41 -18.97
C LEU A 283 -5.25 8.82 -19.91
N GLU A 284 -4.16 9.34 -19.33
CA GLU A 284 -2.91 9.51 -20.05
C GLU A 284 -2.43 8.18 -20.62
N ASP A 285 -1.73 8.23 -21.74
CA ASP A 285 -1.01 7.07 -22.22
C ASP A 285 -0.02 6.63 -21.15
N GLY A 286 -0.06 5.36 -20.78
CA GLY A 286 0.80 4.83 -19.75
C GLY A 286 0.13 4.92 -18.39
N GLY A 287 -1.00 5.60 -18.32
CA GLY A 287 -1.75 5.75 -17.08
C GLY A 287 -2.37 4.44 -16.62
N ARG A 288 -2.58 4.31 -15.32
CA ARG A 288 -3.13 3.09 -14.76
C ARG A 288 -4.49 3.30 -14.12
N LEU A 289 -5.29 2.24 -14.12
CA LEU A 289 -6.59 2.21 -13.46
C LEU A 289 -6.59 1.09 -12.42
N ALA A 290 -6.79 1.44 -11.16
CA ALA A 290 -7.01 0.44 -10.11
C ALA A 290 -8.50 0.42 -9.79
N ILE A 291 -9.10 -0.76 -9.87
CA ILE A 291 -10.55 -0.77 -9.79
C ILE A 291 -11.10 -2.08 -9.22
N ALA A 292 -12.14 -2.17 -8.42
CA ALA A 292 -12.74 -3.41 -7.94
C ALA A 292 -14.03 -3.72 -8.70
N PHE A 293 -14.26 -5.00 -8.99
CA PHE A 293 -15.54 -5.43 -9.57
C PHE A 293 -15.95 -6.74 -8.91
N PRO A 294 -17.25 -6.94 -8.70
CA PRO A 294 -17.75 -8.23 -8.23
C PRO A 294 -17.31 -9.33 -9.18
N THR A 295 -17.11 -10.53 -8.67
CA THR A 295 -16.49 -11.60 -9.44
C THR A 295 -17.36 -12.07 -10.60
N ASP A 296 -18.65 -11.79 -10.55
CA ASP A 296 -19.52 -12.29 -11.61
C ASP A 296 -19.57 -11.34 -12.81
N PHE A 297 -18.84 -10.23 -12.71
CA PHE A 297 -18.57 -9.37 -13.87
C PHE A 297 -17.22 -9.74 -14.44
N ASN A 298 -17.15 -9.91 -15.75
CA ASN A 298 -15.90 -10.27 -16.41
C ASN A 298 -15.01 -9.04 -16.60
N GLY A 299 -14.43 -8.55 -15.50
CA GLY A 299 -13.67 -7.32 -15.52
C GLY A 299 -12.45 -7.35 -16.43
N LYS A 300 -11.73 -8.46 -16.43
CA LYS A 300 -10.54 -8.58 -17.27
C LYS A 300 -10.90 -8.45 -18.75
N ALA A 301 -11.83 -9.28 -19.20
CA ALA A 301 -12.26 -9.28 -20.60
C ALA A 301 -12.83 -7.94 -21.04
N GLU A 302 -13.63 -7.32 -20.17
CA GLU A 302 -14.31 -6.08 -20.51
C GLU A 302 -13.34 -4.92 -20.56
N ALA A 303 -12.39 -4.88 -19.64
CA ALA A 303 -11.40 -3.81 -19.69
C ALA A 303 -10.46 -3.98 -20.88
N GLU A 304 -10.12 -5.21 -21.21
CA GLU A 304 -9.19 -5.45 -22.31
C GLU A 304 -9.86 -5.12 -23.64
N ALA A 305 -11.17 -5.29 -23.69
CA ALA A 305 -11.95 -4.94 -24.87
C ALA A 305 -11.84 -3.45 -25.20
N VAL A 306 -11.70 -2.61 -24.18
CA VAL A 306 -11.66 -1.17 -24.43
C VAL A 306 -10.23 -0.70 -24.61
N GLY A 307 -9.28 -1.63 -24.47
CA GLY A 307 -7.88 -1.34 -24.75
C GLY A 307 -6.92 -1.54 -23.60
N PHE A 308 -7.45 -1.83 -22.42
CA PHE A 308 -6.57 -1.95 -21.26
C PHE A 308 -5.71 -3.21 -21.33
N ARG A 309 -4.51 -3.11 -20.77
CA ARG A 309 -3.68 -4.27 -20.49
C ARG A 309 -3.85 -4.59 -19.01
N THR A 310 -3.96 -5.87 -18.68
CA THR A 310 -4.16 -6.26 -17.28
C THR A 310 -2.82 -6.51 -16.59
N LEU A 311 -2.57 -5.79 -15.49
CA LEU A 311 -1.33 -5.92 -14.73
C LEU A 311 -1.49 -6.74 -13.46
N GLY A 312 -2.70 -6.79 -12.92
CA GLY A 312 -2.94 -7.55 -11.70
C GLY A 312 -4.42 -7.80 -11.48
N ARG A 313 -4.71 -8.91 -10.82
CA ARG A 313 -6.06 -9.26 -10.41
C ARG A 313 -5.96 -10.03 -9.10
N TYR A 314 -6.66 -9.55 -8.09
CA TYR A 314 -6.51 -10.07 -6.74
C TYR A 314 -7.89 -10.37 -6.16
N TYR A 315 -8.13 -11.63 -5.82
CA TYR A 315 -9.42 -12.07 -5.29
C TYR A 315 -9.65 -11.72 -3.82
N GLN A 316 -10.88 -11.35 -3.47
CA GLN A 316 -11.26 -11.10 -2.09
C GLN A 316 -12.75 -11.40 -1.85
N ARG A 317 -13.06 -12.21 -0.84
CA ARG A 317 -14.46 -12.37 -0.47
C ARG A 317 -14.88 -11.21 0.46
N VAL A 318 -15.99 -10.56 0.13
CA VAL A 318 -16.50 -9.43 0.91
C VAL A 318 -17.39 -9.91 2.05
N HIS A 319 -18.44 -10.65 1.69
CA HIS A 319 -19.28 -11.33 2.68
C HIS A 319 -19.82 -12.63 2.11
N LYS A 320 -20.84 -13.20 2.76
CA LYS A 320 -21.25 -14.56 2.40
C LYS A 320 -21.92 -14.67 1.05
N SER A 321 -22.33 -13.55 0.47
CA SER A 321 -22.91 -13.57 -0.86
C SER A 321 -22.30 -12.51 -1.77
N LEU A 322 -21.05 -12.12 -1.49
CA LEU A 322 -20.34 -11.20 -2.38
C LEU A 322 -18.84 -11.45 -2.39
N GLU A 323 -18.32 -11.67 -3.59
CA GLU A 323 -16.88 -11.78 -3.82
C GLU A 323 -16.49 -10.75 -4.85
N ARG A 324 -15.25 -10.29 -4.82
CA ARG A 324 -14.80 -9.32 -5.81
C ARG A 324 -13.37 -9.56 -6.23
N TYR A 325 -12.96 -8.91 -7.31
CA TYR A 325 -11.54 -8.81 -7.65
C TYR A 325 -11.10 -7.38 -7.57
N PHE A 326 -9.88 -7.14 -7.11
CA PHE A 326 -9.22 -5.87 -7.34
C PHE A 326 -8.39 -6.02 -8.60
N TYR A 327 -8.48 -5.04 -9.50
CA TYR A 327 -7.71 -5.05 -10.74
C TYR A 327 -6.75 -3.89 -10.85
N VAL A 328 -5.64 -4.12 -11.55
CA VAL A 328 -4.81 -3.01 -11.97
C VAL A 328 -4.66 -3.09 -13.49
N PHE A 329 -5.11 -2.04 -14.17
CA PHE A 329 -5.07 -1.98 -15.63
C PHE A 329 -4.14 -0.88 -16.10
N GLU A 330 -3.56 -1.05 -17.28
CA GLU A 330 -2.70 -0.03 -17.86
C GLU A 330 -3.21 0.37 -19.24
N LYS A 331 -3.23 1.66 -19.51
CA LYS A 331 -3.56 2.14 -20.86
C LYS A 331 -2.29 2.27 -21.69
#